data_1S22
#
_entry.id   1S22
#
_cell.length_a   40.8
_cell.length_b   75.2
_cell.length_c   67.5
_cell.angle_alpha   90.00
_cell.angle_beta   100.2
_cell.angle_gamma   90.00
#
_symmetry.space_group_name_H-M   'P 1 21 1'
#
loop_
_entity.id
_entity.type
_entity.pdbx_description
1 polymer Actin
2 non-polymer 'CALCIUM ION'
3 non-polymer "ADENOSINE-5'-TRIPHOSPHATE"
4 non-polymer 'ULAPUALIDE A'
5 non-polymer 1,2-ETHANEDIOL
6 water water
#
_entity_poly.entity_id   1
_entity_poly.type   'polypeptide(L)'
_entity_poly.pdbx_seq_one_letter_code
;DEDETTALVCDNGSGLVKAGFAGDDAPRAVFPSIVGRPRHQGVMVGMGQKDSYVGDEAQSKRGILTLKYPIE(HIC)GII
TNWDDMEKIWHHTFYNELRVAPEEHPTLLTEAPLNPKANREKMTQIMFETFNVPAMYVAIQAVLSLYASGRTTGIVLDSG
DGVTHNVPIYEGYALPHAIMRLDLAGRDLTDYLMKILTERGYSFVTTAEREIVRDIKEKLCYVALDFENEMATAASSSSL
EKSYELPDGQVITIGNERFRCPETLFQPSFIGMESAGIHETTYNSIMKCDIDIRKDLYANNVMSGGTTMYPGIADRMQKE
ITALAPSTMKIKIIAPPERKYSVWIGGSILASLSTFQQMWITKQEYDEAGPSIVHRKCF
;
_entity_poly.pdbx_strand_id   A
#
# COMPACT_ATOMS: atom_id res chain seq x y z
C THR A 5 -18.33 -16.39 -11.75
N THR A 6 -17.02 -16.26 -12.00
CA THR A 6 -16.07 -15.87 -10.97
C THR A 6 -15.79 -14.38 -11.10
N ALA A 7 -15.80 -13.68 -9.99
CA ALA A 7 -15.44 -12.27 -9.97
C ALA A 7 -13.94 -12.13 -9.85
N LEU A 8 -13.44 -11.00 -10.34
CA LEU A 8 -12.02 -10.64 -10.25
C LEU A 8 -11.86 -9.54 -9.22
N VAL A 9 -10.70 -9.55 -8.58
CA VAL A 9 -10.30 -8.49 -7.68
C VAL A 9 -8.96 -7.97 -8.13
N CYS A 10 -8.93 -6.67 -8.43
CA CYS A 10 -7.71 -6.00 -8.82
C CYS A 10 -7.48 -4.89 -7.81
N ASP A 11 -6.35 -4.96 -7.12
CA ASP A 11 -5.91 -3.96 -6.16
C ASP A 11 -4.66 -3.28 -6.71
N ASN A 12 -4.88 -2.09 -7.27
CA ASN A 12 -3.81 -1.35 -7.91
C ASN A 12 -3.12 -0.38 -6.93
N GLY A 13 -1.84 -0.63 -6.71
CA GLY A 13 -1.04 0.21 -5.81
C GLY A 13 -0.02 1.00 -6.55
N SER A 14 0.64 1.91 -5.83
CA SER A 14 1.71 2.75 -6.42
C SER A 14 2.85 1.89 -6.95
N GLY A 15 3.21 0.86 -6.20
CA GLY A 15 4.34 0.02 -6.55
C GLY A 15 4.00 -1.32 -7.12
N LEU A 16 2.92 -1.95 -6.62
CA LEU A 16 2.56 -3.32 -6.99
C LEU A 16 1.11 -3.45 -7.33
N VAL A 17 0.83 -4.19 -8.40
CA VAL A 17 -0.50 -4.67 -8.68
C VAL A 17 -0.69 -5.99 -7.95
N LYS A 18 -1.83 -6.14 -7.28
CA LYS A 18 -2.27 -7.41 -6.71
C LYS A 18 -3.58 -7.78 -7.34
N ALA A 19 -3.62 -8.90 -8.06
CA ALA A 19 -4.84 -9.29 -8.75
C ALA A 19 -5.13 -10.78 -8.62
N GLY A 20 -6.39 -11.13 -8.74
CA GLY A 20 -6.77 -12.53 -8.61
C GLY A 20 -8.25 -12.68 -8.69
N PHE A 21 -8.71 -13.82 -8.18
CA PHE A 21 -10.10 -14.24 -8.24
C PHE A 21 -10.75 -14.20 -6.88
N ALA A 22 -11.95 -13.66 -6.84
CA ALA A 22 -12.70 -13.53 -5.59
C ALA A 22 -12.95 -14.89 -4.98
N GLY A 23 -12.74 -14.99 -3.68
CA GLY A 23 -12.79 -16.28 -2.99
C GLY A 23 -11.44 -16.90 -2.71
N ASP A 24 -10.43 -16.59 -3.53
CA ASP A 24 -9.07 -17.09 -3.29
C ASP A 24 -8.47 -16.44 -2.04
N ASP A 25 -7.44 -17.08 -1.47
CA ASP A 25 -6.88 -16.63 -0.21
C ASP A 25 -5.83 -15.54 -0.35
N ALA A 26 -5.39 -15.31 -1.59
CA ALA A 26 -4.29 -14.41 -1.90
C ALA A 26 -4.34 -14.07 -3.37
N PRO A 27 -3.76 -12.94 -3.78
CA PRO A 27 -3.72 -12.62 -5.20
C PRO A 27 -2.81 -13.59 -5.95
N ARG A 28 -3.29 -14.12 -7.07
CA ARG A 28 -2.54 -15.01 -7.95
C ARG A 28 -1.43 -14.27 -8.67
N ALA A 29 -1.62 -12.97 -8.87
CA ALA A 29 -0.67 -12.17 -9.64
C ALA A 29 -0.26 -10.99 -8.79
N VAL A 30 1.05 -10.86 -8.58
CA VAL A 30 1.63 -9.72 -7.88
C VAL A 30 2.81 -9.28 -8.69
N PHE A 31 2.78 -8.04 -9.21
CA PHE A 31 3.80 -7.59 -10.13
C PHE A 31 3.96 -6.07 -10.09
N PRO A 32 5.12 -5.56 -10.49
CA PRO A 32 5.34 -4.11 -10.42
C PRO A 32 4.39 -3.32 -11.29
N SER A 33 3.88 -2.22 -10.73
CA SER A 33 2.96 -1.31 -11.41
C SER A 33 3.74 -0.32 -12.24
N ILE A 34 4.33 -0.88 -13.32
CA ILE A 34 5.28 -0.21 -14.18
C ILE A 34 4.87 -0.49 -15.62
N VAL A 35 4.88 0.53 -16.45
CA VAL A 35 4.66 0.43 -17.88
C VAL A 35 5.89 0.97 -18.56
N GLY A 36 6.41 0.24 -19.52
CA GLY A 36 7.57 0.71 -20.27
C GLY A 36 7.22 0.83 -21.74
N ARG A 37 7.61 1.95 -22.34
CA ARG A 37 7.45 2.14 -23.78
C ARG A 37 8.80 2.39 -24.43
N PRO A 38 8.92 2.08 -25.72
CA PRO A 38 10.20 2.31 -26.40
C PRO A 38 10.83 3.69 -26.16
N ARG A 39 12.11 3.71 -25.80
CA ARG A 39 12.90 4.94 -25.78
C ARG A 39 12.96 5.56 -27.16
N HIS A 40 13.07 4.73 -28.18
CA HIS A 40 13.19 5.16 -29.58
C HIS A 40 12.17 4.39 -30.41
N GLN A 41 11.05 5.04 -30.76
CA GLN A 41 10.00 4.45 -31.60
C GLN A 41 10.44 4.24 -33.05
N ASP A 51 3.24 0.24 -28.85
CA ASP A 51 4.06 -0.82 -28.26
C ASP A 51 4.41 -0.49 -26.79
N SER A 52 4.28 -1.50 -25.93
CA SER A 52 4.53 -1.35 -24.51
C SER A 52 4.71 -2.70 -23.79
N TYR A 53 5.35 -2.63 -22.63
CA TYR A 53 5.59 -3.76 -21.75
C TYR A 53 5.13 -3.36 -20.35
N VAL A 54 4.70 -4.34 -19.56
CA VAL A 54 4.23 -4.08 -18.19
C VAL A 54 4.95 -4.99 -17.24
N GLY A 55 5.24 -4.49 -16.04
CA GLY A 55 5.67 -5.33 -14.95
C GLY A 55 7.06 -5.88 -15.08
N ASP A 56 7.25 -7.16 -14.76
CA ASP A 56 8.58 -7.73 -14.72
C ASP A 56 9.30 -7.66 -16.05
N GLU A 57 8.57 -7.86 -17.13
CA GLU A 57 9.16 -7.83 -18.44
C GLU A 57 9.60 -6.41 -18.80
N ALA A 58 8.81 -5.41 -18.40
CA ALA A 58 9.25 -4.02 -18.61
C ALA A 58 10.56 -3.78 -17.89
N GLN A 59 10.71 -4.27 -16.65
CA GLN A 59 11.95 -4.10 -15.92
C GLN A 59 13.11 -4.83 -16.62
N SER A 60 12.84 -6.02 -17.15
CA SER A 60 13.87 -6.82 -17.81
C SER A 60 14.38 -6.12 -19.05
N LYS A 61 13.48 -5.42 -19.74
CA LYS A 61 13.80 -4.71 -20.98
C LYS A 61 14.01 -3.22 -20.73
N ARG A 62 14.36 -2.85 -19.50
CA ARG A 62 14.47 -1.45 -19.14
C ARG A 62 15.47 -0.68 -19.99
N GLY A 63 16.49 -1.35 -20.49
CA GLY A 63 17.49 -0.70 -21.31
C GLY A 63 16.96 -0.12 -22.60
N ILE A 64 15.84 -0.62 -23.11
CA ILE A 64 15.22 -0.11 -24.35
C ILE A 64 13.90 0.62 -24.13
N LEU A 65 13.50 0.77 -22.87
CA LEU A 65 12.20 1.34 -22.50
C LEU A 65 12.35 2.51 -21.53
N THR A 66 11.38 3.39 -21.56
CA THR A 66 11.19 4.41 -20.55
C THR A 66 10.15 3.85 -19.56
N LEU A 67 10.53 3.68 -18.30
CA LEU A 67 9.66 3.05 -17.29
C LEU A 67 8.92 4.15 -16.56
N LYS A 68 7.63 3.95 -16.37
CA LYS A 68 6.77 4.90 -15.69
C LYS A 68 5.82 4.15 -14.75
N TYR A 69 5.48 4.81 -13.64
CA TYR A 69 4.51 4.33 -12.68
C TYR A 69 3.22 5.11 -12.87
N PRO A 70 2.14 4.49 -13.36
CA PRO A 70 0.89 5.23 -13.59
C PRO A 70 0.18 5.71 -12.34
N ILE A 71 0.52 5.15 -11.18
CA ILE A 71 -0.08 5.58 -9.92
C ILE A 71 0.98 6.25 -9.06
N GLU A 72 0.66 7.46 -8.60
CA GLU A 72 1.54 8.27 -7.79
C GLU A 72 0.83 8.49 -6.47
N GLY A 74 -0.74 6.58 -4.59
CA GLY A 74 -2.03 5.92 -4.56
C GLY A 74 -3.08 6.37 -5.56
N ILE A 75 -2.82 7.48 -6.26
CA ILE A 75 -3.75 8.10 -7.20
C ILE A 75 -3.30 7.81 -8.64
N ILE A 76 -4.22 7.41 -9.50
CA ILE A 76 -3.93 7.24 -10.91
C ILE A 76 -3.69 8.59 -11.53
N THR A 77 -2.52 8.77 -12.12
CA THR A 77 -2.20 10.02 -12.82
C THR A 77 -1.82 9.83 -14.30
N ASN A 78 -1.53 8.61 -14.76
CA ASN A 78 -1.29 8.36 -16.18
C ASN A 78 -2.30 7.35 -16.66
N TRP A 79 -3.38 7.83 -17.27
CA TRP A 79 -4.51 6.99 -17.62
C TRP A 79 -4.18 6.07 -18.77
N ASP A 80 -3.42 6.55 -19.76
CA ASP A 80 -3.07 5.69 -20.88
C ASP A 80 -2.25 4.49 -20.41
N ASP A 81 -1.32 4.73 -19.48
CA ASP A 81 -0.50 3.66 -18.96
C ASP A 81 -1.34 2.79 -18.01
N MET A 82 -2.28 3.37 -17.30
CA MET A 82 -3.14 2.59 -16.43
C MET A 82 -3.96 1.59 -17.23
N GLU A 83 -4.40 1.98 -18.41
CA GLU A 83 -5.09 1.05 -19.29
C GLU A 83 -4.19 -0.11 -19.65
N LYS A 84 -2.90 0.15 -19.86
CA LYS A 84 -1.97 -0.95 -20.16
C LYS A 84 -1.82 -1.88 -18.95
N ILE A 85 -1.78 -1.32 -17.73
CA ILE A 85 -1.72 -2.16 -16.55
C ILE A 85 -2.94 -3.09 -16.51
N TRP A 86 -4.12 -2.54 -16.72
CA TRP A 86 -5.33 -3.33 -16.63
C TRP A 86 -5.39 -4.38 -17.74
N HIS A 87 -5.02 -3.97 -18.95
CA HIS A 87 -4.95 -4.92 -20.05
C HIS A 87 -4.05 -6.10 -19.73
N HIS A 88 -2.85 -5.82 -19.24
CA HIS A 88 -1.90 -6.84 -18.93
C HIS A 88 -2.42 -7.74 -17.81
N THR A 89 -3.05 -7.13 -16.82
CA THR A 89 -3.58 -7.88 -15.70
C THR A 89 -4.60 -8.91 -16.21
N PHE A 90 -5.55 -8.49 -17.00
CA PHE A 90 -6.59 -9.40 -17.46
C PHE A 90 -5.99 -10.47 -18.38
N TYR A 91 -5.30 -10.04 -19.42
CA TYR A 91 -4.99 -10.97 -20.51
C TYR A 91 -3.72 -11.76 -20.30
N ASN A 92 -2.71 -11.18 -19.66
CA ASN A 92 -1.43 -11.85 -19.49
C ASN A 92 -1.24 -12.48 -18.12
N GLU A 93 -1.73 -11.84 -17.07
CA GLU A 93 -1.48 -12.36 -15.73
C GLU A 93 -2.58 -13.30 -15.31
N LEU A 94 -3.84 -12.88 -15.43
CA LEU A 94 -4.98 -13.69 -14.98
C LEU A 94 -5.49 -14.62 -16.09
N ARG A 95 -5.18 -14.27 -17.34
CA ARG A 95 -5.55 -15.03 -18.53
C ARG A 95 -7.07 -15.21 -18.61
N VAL A 96 -7.79 -14.10 -18.50
CA VAL A 96 -9.24 -14.05 -18.59
C VAL A 96 -9.67 -13.01 -19.62
N ALA A 97 -10.90 -13.17 -20.07
CA ALA A 97 -11.58 -12.18 -20.87
C ALA A 97 -12.41 -11.30 -19.92
N PRO A 98 -12.08 -10.00 -19.83
CA PRO A 98 -12.75 -9.17 -18.83
C PRO A 98 -14.25 -9.05 -19.06
N GLU A 99 -14.70 -9.21 -20.30
CA GLU A 99 -16.13 -9.14 -20.56
C GLU A 99 -16.91 -10.30 -19.95
N GLU A 100 -16.20 -11.31 -19.43
CA GLU A 100 -16.84 -12.46 -18.80
C GLU A 100 -16.88 -12.41 -17.28
N HIS A 101 -16.31 -11.36 -16.64
CA HIS A 101 -16.18 -11.39 -15.18
C HIS A 101 -16.49 -10.07 -14.50
N PRO A 102 -17.39 -10.05 -13.52
CA PRO A 102 -17.54 -8.87 -12.65
C PRO A 102 -16.17 -8.57 -12.03
N THR A 103 -15.82 -7.28 -11.97
CA THR A 103 -14.48 -6.89 -11.54
C THR A 103 -14.56 -5.88 -10.43
N LEU A 104 -14.00 -6.24 -9.28
CA LEU A 104 -13.85 -5.29 -8.16
C LEU A 104 -12.48 -4.65 -8.21
N LEU A 105 -12.47 -3.29 -8.20
CA LEU A 105 -11.25 -2.51 -8.17
C LEU A 105 -11.17 -1.81 -6.85
N THR A 106 -9.97 -1.40 -6.50
CA THR A 106 -9.77 -0.60 -5.30
C THR A 106 -9.29 0.80 -5.62
N GLU A 107 -9.49 1.69 -4.68
CA GLU A 107 -9.02 3.07 -4.81
C GLU A 107 -8.43 3.60 -3.52
N ALA A 108 -7.62 4.66 -3.63
CA ALA A 108 -7.05 5.30 -2.49
C ALA A 108 -8.13 6.05 -1.70
N PRO A 109 -7.93 6.18 -0.40
CA PRO A 109 -8.68 7.15 0.37
C PRO A 109 -8.55 8.55 -0.28
N LEU A 110 -9.62 9.35 -0.22
CA LEU A 110 -9.66 10.70 -0.81
C LEU A 110 -9.39 10.70 -2.32
N ASN A 111 -9.75 9.62 -3.00
CA ASN A 111 -9.62 9.60 -4.45
C ASN A 111 -10.66 10.58 -5.04
N PRO A 112 -10.22 11.49 -5.92
CA PRO A 112 -11.16 12.42 -6.56
C PRO A 112 -12.31 11.73 -7.28
N LYS A 113 -13.51 12.30 -7.18
CA LYS A 113 -14.71 11.78 -7.83
C LYS A 113 -14.48 11.55 -9.32
N ALA A 114 -13.81 12.48 -9.99
CA ALA A 114 -13.61 12.36 -11.44
C ALA A 114 -12.73 11.14 -11.76
N ASN A 115 -11.86 10.79 -10.82
CA ASN A 115 -10.95 9.66 -11.05
C ASN A 115 -11.71 8.36 -10.97
N ARG A 116 -12.61 8.28 -10.00
CA ARG A 116 -13.45 7.09 -9.84
C ARG A 116 -14.36 6.96 -11.07
N GLU A 117 -14.86 8.07 -11.59
CA GLU A 117 -15.68 8.07 -12.80
C GLU A 117 -14.89 7.60 -14.00
N LYS A 118 -13.65 8.04 -14.16
CA LYS A 118 -12.81 7.61 -15.27
C LYS A 118 -12.48 6.11 -15.24
N MET A 119 -12.19 5.59 -14.05
CA MET A 119 -11.96 4.17 -13.85
C MET A 119 -13.18 3.38 -14.34
N THR A 120 -14.35 3.87 -13.97
CA THR A 120 -15.61 3.21 -14.29
C THR A 120 -15.84 3.20 -15.79
N GLN A 121 -15.63 4.35 -16.42
CA GLN A 121 -15.80 4.49 -17.86
C GLN A 121 -14.88 3.55 -18.60
N ILE A 122 -13.62 3.50 -18.18
CA ILE A 122 -12.66 2.63 -18.86
C ILE A 122 -13.09 1.17 -18.70
N MET A 123 -13.45 0.75 -17.49
CA MET A 123 -13.81 -0.64 -17.30
C MET A 123 -14.97 -1.07 -18.17
N PHE A 124 -15.98 -0.22 -18.27
CA PHE A 124 -17.17 -0.58 -19.06
C PHE A 124 -16.97 -0.39 -20.55
N GLU A 125 -16.38 0.72 -20.95
CA GLU A 125 -16.32 1.06 -22.39
C GLU A 125 -15.13 0.46 -23.09
N THR A 126 -13.99 0.40 -22.42
CA THR A 126 -12.80 -0.24 -22.96
C THR A 126 -12.75 -1.73 -22.74
N PHE A 127 -12.94 -2.19 -21.50
CA PHE A 127 -12.80 -3.58 -21.20
C PHE A 127 -14.13 -4.34 -21.23
N ASN A 128 -15.25 -3.62 -21.34
CA ASN A 128 -16.59 -4.25 -21.45
C ASN A 128 -16.90 -5.23 -20.33
N VAL A 129 -16.44 -4.94 -19.10
CA VAL A 129 -16.78 -5.78 -17.97
C VAL A 129 -18.30 -5.81 -17.80
N PRO A 130 -18.86 -6.94 -17.37
CA PRO A 130 -20.31 -7.05 -17.20
C PRO A 130 -20.80 -6.30 -15.96
N ALA A 131 -19.89 -6.08 -14.99
CA ALA A 131 -20.24 -5.44 -13.74
C ALA A 131 -18.96 -5.02 -13.08
N MET A 132 -19.04 -4.02 -12.22
CA MET A 132 -17.86 -3.61 -11.44
C MET A 132 -18.25 -2.93 -10.16
N TYR A 133 -17.24 -2.73 -9.32
CA TYR A 133 -17.39 -2.05 -8.06
C TYR A 133 -16.03 -1.47 -7.69
N VAL A 134 -16.03 -0.33 -7.02
CA VAL A 134 -14.79 0.30 -6.53
C VAL A 134 -14.92 0.45 -5.01
N ALA A 135 -13.96 -0.07 -4.27
CA ALA A 135 -13.94 0.03 -2.83
C ALA A 135 -12.67 0.75 -2.36
N ILE A 136 -12.74 1.46 -1.25
CA ILE A 136 -11.58 2.11 -0.65
C ILE A 136 -10.65 1.05 -0.03
N GLN A 137 -9.37 1.15 -0.36
CA GLN A 137 -8.38 0.16 0.05
C GLN A 137 -8.39 -0.12 1.56
N ALA A 138 -8.26 0.92 2.37
CA ALA A 138 -8.20 0.73 3.81
C ALA A 138 -9.44 0.06 4.36
N VAL A 139 -10.60 0.36 3.78
CA VAL A 139 -11.86 -0.26 4.24
C VAL A 139 -11.81 -1.77 4.00
N LEU A 140 -11.36 -2.18 2.82
CA LEU A 140 -11.19 -3.61 2.53
C LEU A 140 -10.23 -4.26 3.53
N SER A 141 -9.12 -3.62 3.90
CA SER A 141 -8.23 -4.16 4.92
C SER A 141 -8.92 -4.35 6.25
N LEU A 142 -9.72 -3.39 6.65
CA LEU A 142 -10.49 -3.56 7.88
C LEU A 142 -11.38 -4.81 7.78
N TYR A 143 -12.09 -4.96 6.68
CA TYR A 143 -12.95 -6.13 6.50
C TYR A 143 -12.17 -7.43 6.59
N ALA A 144 -10.94 -7.43 6.08
CA ALA A 144 -10.10 -8.63 6.04
C ALA A 144 -9.70 -9.05 7.45
N SER A 145 -9.77 -8.12 8.42
CA SER A 145 -9.49 -8.38 9.83
C SER A 145 -10.75 -8.81 10.61
N GLY A 146 -11.87 -8.93 9.91
CA GLY A 146 -13.13 -9.30 10.53
C GLY A 146 -13.89 -8.20 11.24
N ARG A 147 -13.60 -6.94 10.90
CA ARG A 147 -14.17 -5.78 11.54
C ARG A 147 -14.88 -4.86 10.57
N THR A 148 -15.88 -4.16 11.10
CA THR A 148 -16.53 -3.04 10.40
C THR A 148 -16.36 -1.67 11.07
N THR A 149 -15.82 -1.67 12.28
CA THR A 149 -15.38 -0.47 12.98
C THR A 149 -13.91 -0.63 13.38
N GLY A 150 -13.11 0.40 13.13
CA GLY A 150 -11.71 0.41 13.51
C GLY A 150 -11.01 1.51 12.77
N ILE A 151 -9.70 1.64 12.98
CA ILE A 151 -8.94 2.65 12.25
C ILE A 151 -7.75 1.92 11.64
N VAL A 152 -7.61 2.08 10.33
CA VAL A 152 -6.57 1.40 9.57
C VAL A 152 -5.40 2.34 9.33
N LEU A 153 -4.18 1.83 9.50
CA LEU A 153 -2.98 2.49 8.99
C LEU A 153 -2.58 1.67 7.80
N ASP A 154 -2.70 2.22 6.58
CA ASP A 154 -2.35 1.51 5.35
C ASP A 154 -1.13 2.21 4.79
N SER A 155 -0.03 1.48 4.62
CA SER A 155 1.23 2.06 4.17
C SER A 155 1.84 1.13 3.14
N GLY A 156 2.00 1.62 1.92
CA GLY A 156 2.51 0.82 0.83
C GLY A 156 3.84 1.31 0.32
N ASP A 157 3.96 1.40 -0.99
CA ASP A 157 5.19 1.89 -1.61
C ASP A 157 5.16 3.40 -1.81
N GLY A 158 3.97 3.97 -1.94
CA GLY A 158 3.85 5.36 -2.30
C GLY A 158 3.13 6.31 -1.36
N VAL A 159 2.27 5.79 -0.50
CA VAL A 159 1.47 6.66 0.34
C VAL A 159 1.09 5.91 1.62
N THR A 160 0.87 6.66 2.70
CA THR A 160 0.41 6.16 3.97
C THR A 160 -0.87 6.92 4.33
N HIS A 161 -1.92 6.20 4.74
CA HIS A 161 -3.14 6.83 5.19
C HIS A 161 -3.53 6.27 6.53
N ASN A 162 -4.15 7.12 7.34
CA ASN A 162 -4.97 6.67 8.46
C ASN A 162 -6.42 6.84 8.08
N VAL A 163 -7.19 5.79 8.22
CA VAL A 163 -8.58 5.79 7.77
C VAL A 163 -9.46 5.21 8.88
N PRO A 164 -10.18 6.07 9.61
CA PRO A 164 -11.11 5.60 10.63
C PRO A 164 -12.43 5.23 9.95
N ILE A 165 -13.02 4.13 10.41
CA ILE A 165 -14.16 3.48 9.75
C ILE A 165 -15.18 3.14 10.81
N TYR A 166 -16.46 3.47 10.56
CA TYR A 166 -17.53 3.18 11.53
C TYR A 166 -18.69 2.49 10.83
N GLU A 167 -19.09 1.34 11.36
CA GLU A 167 -20.17 0.53 10.81
C GLU A 167 -20.03 0.31 9.31
N GLY A 168 -18.80 0.04 8.88
CA GLY A 168 -18.53 -0.34 7.51
C GLY A 168 -18.10 0.74 6.56
N TYR A 169 -18.18 2.00 7.00
CA TYR A 169 -17.88 3.15 6.14
C TYR A 169 -16.74 4.02 6.65
N ALA A 170 -15.85 4.38 5.74
CA ALA A 170 -14.81 5.35 6.05
C ALA A 170 -15.43 6.69 6.42
N LEU A 171 -14.72 7.44 7.27
CA LEU A 171 -15.13 8.76 7.75
C LEU A 171 -14.18 9.76 7.09
N PRO A 172 -14.55 10.26 5.91
CA PRO A 172 -13.57 10.98 5.10
C PRO A 172 -13.02 12.22 5.76
N HIS A 173 -13.81 12.91 6.58
CA HIS A 173 -13.29 14.10 7.25
C HIS A 173 -12.12 13.87 8.19
N ALA A 174 -11.93 12.61 8.60
CA ALA A 174 -10.96 12.26 9.62
C ALA A 174 -9.77 11.47 9.02
N ILE A 175 -9.79 11.24 7.71
CA ILE A 175 -8.68 10.61 7.03
C ILE A 175 -7.43 11.50 7.08
N MET A 176 -6.28 10.89 7.38
CA MET A 176 -5.00 11.57 7.32
C MET A 176 -4.12 10.91 6.25
N ARG A 177 -3.29 11.72 5.59
CA ARG A 177 -2.43 11.25 4.53
C ARG A 177 -1.02 11.72 4.77
N LEU A 178 -0.07 10.81 4.56
CA LEU A 178 1.35 11.12 4.60
C LEU A 178 1.93 10.61 3.30
N ASP A 179 2.52 11.50 2.49
CA ASP A 179 3.14 11.08 1.23
C ASP A 179 4.56 10.63 1.53
N LEU A 180 4.67 9.59 2.34
CA LEU A 180 5.91 9.01 2.78
C LEU A 180 5.58 7.53 2.98
N ALA A 181 6.26 6.66 2.27
CA ALA A 181 5.99 5.24 2.36
C ALA A 181 7.23 4.47 1.88
N GLY A 182 7.04 3.26 1.40
CA GLY A 182 8.12 2.34 1.17
C GLY A 182 9.20 2.85 0.26
N ARG A 183 8.81 3.50 -0.84
CA ARG A 183 9.83 3.94 -1.81
C ARG A 183 10.72 4.99 -1.18
N ASP A 184 10.16 5.89 -0.38
CA ASP A 184 10.95 6.88 0.34
C ASP A 184 11.94 6.24 1.32
N LEU A 185 11.52 5.14 1.95
CA LEU A 185 12.38 4.41 2.86
C LEU A 185 13.52 3.75 2.11
N THR A 186 13.22 3.15 0.94
CA THR A 186 14.27 2.60 0.10
C THR A 186 15.25 3.70 -0.35
N ASP A 187 14.71 4.84 -0.79
CA ASP A 187 15.53 5.97 -1.22
C ASP A 187 16.46 6.42 -0.10
N TYR A 188 15.96 6.45 1.13
CA TYR A 188 16.76 6.89 2.27
C TYR A 188 17.85 5.91 2.54
N LEU A 189 17.53 4.61 2.52
CA LEU A 189 18.56 3.61 2.71
C LEU A 189 19.60 3.67 1.60
N MET A 190 19.15 3.89 0.36
CA MET A 190 20.11 4.04 -0.74
C MET A 190 21.09 5.16 -0.46
N LYS A 191 20.59 6.29 0.03
CA LYS A 191 21.40 7.48 0.28
C LYS A 191 22.41 7.18 1.41
N ILE A 192 21.92 6.58 2.49
CA ILE A 192 22.75 6.19 3.65
C ILE A 192 23.90 5.27 3.22
N LEU A 193 23.58 4.27 2.42
CA LEU A 193 24.59 3.28 2.04
C LEU A 193 25.55 3.90 1.01
N THR A 194 25.04 4.75 0.13
CA THR A 194 25.89 5.50 -0.80
C THR A 194 26.89 6.36 -0.07
N GLU A 195 26.46 7.00 1.00
CA GLU A 195 27.37 7.87 1.73
C GLU A 195 28.46 7.08 2.37
N ARG A 196 28.19 5.85 2.76
CA ARG A 196 29.19 4.99 3.34
C ARG A 196 30.16 4.39 2.33
N GLY A 197 29.94 4.65 1.05
CA GLY A 197 30.84 4.24 -0.02
C GLY A 197 30.40 3.06 -0.85
N TYR A 198 29.12 2.66 -0.70
CA TYR A 198 28.52 1.62 -1.55
C TYR A 198 27.47 2.31 -2.40
N SER A 199 27.84 2.63 -3.63
CA SER A 199 27.00 3.43 -4.50
C SER A 199 25.77 2.68 -5.01
N PHE A 200 24.60 3.19 -4.61
CA PHE A 200 23.31 2.70 -5.05
C PHE A 200 22.52 3.89 -5.56
N VAL A 201 22.34 3.94 -6.88
CA VAL A 201 21.81 5.07 -7.62
C VAL A 201 20.85 4.59 -8.74
N THR A 202 21.26 3.57 -9.50
CA THR A 202 20.51 3.06 -10.68
C THR A 202 19.32 2.21 -10.25
N THR A 203 18.45 1.89 -11.21
CA THR A 203 17.28 1.04 -10.95
C THR A 203 17.67 -0.39 -10.48
N ALA A 204 18.73 -0.97 -11.04
CA ALA A 204 19.18 -2.29 -10.58
C ALA A 204 19.64 -2.22 -9.12
N GLU A 205 20.32 -1.13 -8.79
CA GLU A 205 20.81 -0.89 -7.45
C GLU A 205 19.64 -0.62 -6.50
N ARG A 206 18.62 0.08 -6.95
CA ARG A 206 17.45 0.31 -6.11
C ARG A 206 16.80 -1.00 -5.71
N GLU A 207 16.72 -1.95 -6.65
CA GLU A 207 16.12 -3.25 -6.35
C GLU A 207 16.91 -3.97 -5.25
N ILE A 208 18.24 -3.85 -5.27
CA ILE A 208 19.08 -4.44 -4.26
C ILE A 208 18.78 -3.80 -2.88
N VAL A 209 18.67 -2.48 -2.83
CA VAL A 209 18.48 -1.82 -1.54
C VAL A 209 17.08 -2.11 -1.01
N ARG A 210 16.10 -2.20 -1.91
CA ARG A 210 14.77 -2.56 -1.47
C ARG A 210 14.80 -3.92 -0.79
N ASP A 211 15.59 -4.83 -1.32
CA ASP A 211 15.72 -6.17 -0.74
C ASP A 211 16.37 -6.10 0.65
N ILE A 212 17.46 -5.33 0.77
CA ILE A 212 18.13 -5.16 2.07
C ILE A 212 17.12 -4.62 3.08
N LYS A 213 16.38 -3.59 2.68
CA LYS A 213 15.34 -3.00 3.54
C LYS A 213 14.34 -4.03 4.03
N GLU A 214 13.81 -4.81 3.11
CA GLU A 214 12.76 -5.78 3.45
C GLU A 214 13.30 -6.90 4.33
N LYS A 215 14.56 -7.26 4.16
CA LYS A 215 15.16 -8.41 4.84
C LYS A 215 15.74 -8.04 6.19
N LEU A 216 16.27 -6.85 6.34
CA LEU A 216 17.09 -6.53 7.52
C LEU A 216 16.61 -5.39 8.38
N CYS A 217 15.71 -4.56 7.89
CA CYS A 217 15.27 -3.41 8.65
C CYS A 217 14.21 -3.79 9.70
N TYR A 218 14.11 -2.96 10.74
CA TYR A 218 13.14 -3.15 11.80
C TYR A 218 12.91 -1.83 12.52
N VAL A 219 11.81 -1.74 13.25
CA VAL A 219 11.47 -0.53 14.00
C VAL A 219 11.89 -0.76 15.45
N ALA A 220 12.72 0.15 15.94
CA ALA A 220 13.15 0.12 17.33
C ALA A 220 11.99 0.47 18.26
N LEU A 221 11.92 -0.20 19.41
CA LEU A 221 10.93 0.16 20.43
C LEU A 221 11.22 1.51 21.06
N ASP A 222 12.50 1.76 21.32
CA ASP A 222 12.99 3.04 21.82
C ASP A 222 14.17 3.44 20.95
N PHE A 223 13.98 4.42 20.09
CA PHE A 223 15.02 4.78 19.12
C PHE A 223 16.34 5.22 19.77
N GLU A 224 16.25 6.04 20.80
CA GLU A 224 17.45 6.47 21.49
C GLU A 224 18.21 5.33 22.13
N ASN A 225 17.51 4.43 22.81
CA ASN A 225 18.17 3.29 23.42
C ASN A 225 18.84 2.43 22.35
N GLU A 226 18.15 2.23 21.22
CA GLU A 226 18.66 1.41 20.16
C GLU A 226 19.91 2.03 19.54
N MET A 227 19.93 3.36 19.36
CA MET A 227 21.11 4.04 18.90
C MET A 227 22.30 3.80 19.85
N ALA A 228 22.04 3.87 21.16
CA ALA A 228 23.06 3.65 22.16
C ALA A 228 23.61 2.23 22.09
N THR A 229 22.73 1.26 21.91
CA THR A 229 23.14 -0.12 21.75
C THR A 229 24.04 -0.28 20.52
N ALA A 230 23.63 0.23 19.37
CA ALA A 230 24.40 0.10 18.16
C ALA A 230 25.76 0.81 18.25
N ALA A 231 25.81 1.86 19.06
CA ALA A 231 27.05 2.63 19.22
C ALA A 231 28.07 1.91 20.09
N SER A 232 27.62 0.93 20.86
CA SER A 232 28.45 0.35 21.92
C SER A 232 28.67 -1.13 21.80
N SER A 233 28.12 -1.73 20.76
CA SER A 233 28.19 -3.17 20.59
C SER A 233 27.92 -3.53 19.14
N SER A 234 28.37 -4.71 18.73
CA SER A 234 28.08 -5.22 17.39
C SER A 234 26.84 -6.09 17.35
N SER A 235 26.05 -6.12 18.43
CA SER A 235 24.99 -7.11 18.59
C SER A 235 23.79 -6.93 17.63
N LEU A 236 23.61 -5.72 17.09
CA LEU A 236 22.53 -5.45 16.12
C LEU A 236 22.97 -5.54 14.67
N GLU A 237 24.23 -5.90 14.45
CA GLU A 237 24.75 -5.93 13.09
C GLU A 237 24.25 -7.14 12.29
N LYS A 238 23.94 -6.87 11.04
CA LYS A 238 23.62 -7.93 10.08
C LYS A 238 24.39 -7.68 8.80
N SER A 239 24.71 -8.76 8.11
CA SER A 239 25.45 -8.67 6.86
C SER A 239 24.62 -9.17 5.67
N TYR A 240 24.99 -8.68 4.50
CA TYR A 240 24.23 -8.94 3.28
C TYR A 240 25.20 -8.96 2.12
N GLU A 241 25.16 -10.04 1.33
CA GLU A 241 26.03 -10.16 0.16
C GLU A 241 25.41 -9.51 -1.06
N LEU A 242 26.10 -8.52 -1.63
CA LEU A 242 25.65 -7.83 -2.83
C LEU A 242 25.93 -8.65 -4.08
N PRO A 243 25.20 -8.36 -5.16
CA PRO A 243 25.46 -9.02 -6.45
C PRO A 243 26.92 -8.98 -6.90
N ASP A 244 27.69 -7.96 -6.55
CA ASP A 244 29.12 -7.89 -6.93
C ASP A 244 30.04 -8.68 -6.00
N GLY A 245 29.44 -9.39 -5.05
CA GLY A 245 30.17 -10.21 -4.08
C GLY A 245 30.69 -9.51 -2.82
N GLN A 246 30.63 -8.18 -2.76
CA GLN A 246 30.94 -7.44 -1.52
C GLN A 246 29.90 -7.83 -0.48
N VAL A 247 30.34 -7.93 0.78
CA VAL A 247 29.46 -8.11 1.90
C VAL A 247 29.39 -6.79 2.64
N ILE A 248 28.19 -6.23 2.72
CA ILE A 248 27.94 -5.00 3.49
C ILE A 248 27.37 -5.39 4.84
N THR A 249 27.79 -4.70 5.88
CA THR A 249 27.27 -4.91 7.20
C THR A 249 26.56 -3.62 7.61
N ILE A 250 25.37 -3.76 8.16
CA ILE A 250 24.62 -2.62 8.69
C ILE A 250 24.26 -2.87 10.13
N GLY A 251 24.11 -1.78 10.87
CA GLY A 251 23.80 -1.81 12.28
C GLY A 251 22.63 -0.86 12.48
N ASN A 252 22.94 0.36 12.85
CA ASN A 252 21.88 1.33 13.08
C ASN A 252 21.07 1.69 11.83
N GLU A 253 21.62 1.47 10.64
CA GLU A 253 20.85 1.65 9.41
C GLU A 253 19.58 0.80 9.42
N ARG A 254 19.66 -0.35 10.08
CA ARG A 254 18.53 -1.28 10.11
C ARG A 254 17.28 -0.62 10.67
N PHE A 255 17.44 0.19 11.72
CA PHE A 255 16.28 0.85 12.33
C PHE A 255 16.16 2.34 12.07
N ARG A 256 17.24 3.00 11.66
CA ARG A 256 17.16 4.40 11.25
C ARG A 256 16.28 4.56 10.02
N CYS A 257 16.33 3.58 9.12
CA CYS A 257 15.55 3.68 7.89
C CYS A 257 14.01 3.75 8.18
N PRO A 258 13.40 2.76 8.81
CA PRO A 258 11.97 2.87 9.10
C PRO A 258 11.63 3.81 10.24
N GLU A 259 12.60 4.28 11.06
CA GLU A 259 12.31 5.35 12.01
C GLU A 259 11.71 6.57 11.32
N THR A 260 12.07 6.80 10.07
CA THR A 260 11.55 7.91 9.26
C THR A 260 10.01 7.96 9.29
N LEU A 261 9.35 6.79 9.37
CA LEU A 261 7.89 6.78 9.49
C LEU A 261 7.38 7.54 10.71
N PHE A 262 8.12 7.45 11.81
CA PHE A 262 7.80 8.14 13.06
C PHE A 262 8.41 9.53 13.11
N GLN A 263 9.51 9.73 12.37
CA GLN A 263 10.26 11.01 12.31
C GLN A 263 10.53 11.41 10.84
N PRO A 264 9.52 11.95 10.16
CA PRO A 264 9.67 12.33 8.76
C PRO A 264 10.78 13.36 8.47
N SER A 265 11.20 14.07 9.50
CA SER A 265 12.34 14.98 9.43
C SER A 265 13.62 14.27 9.00
N PHE A 266 13.72 12.96 9.18
CA PHE A 266 14.89 12.23 8.72
C PHE A 266 15.15 12.38 7.23
N ILE A 267 14.11 12.61 6.42
CA ILE A 267 14.23 12.86 4.98
C ILE A 267 13.81 14.29 4.61
N GLY A 268 13.85 15.18 5.59
CA GLY A 268 13.58 16.59 5.40
C GLY A 268 12.12 17.00 5.26
N MET A 269 11.19 16.14 5.68
CA MET A 269 9.77 16.45 5.66
C MET A 269 9.28 16.96 7.03
N GLU A 270 8.45 18.02 7.04
CA GLU A 270 8.00 18.62 8.31
C GLU A 270 6.70 17.97 8.88
N SER A 271 6.28 16.89 8.26
CA SER A 271 5.05 16.21 8.59
C SER A 271 5.10 15.47 9.91
N ALA A 272 3.93 15.35 10.52
CA ALA A 272 3.69 14.43 11.61
C ALA A 272 4.06 13.00 11.21
N GLY A 273 4.58 12.25 12.17
CA GLY A 273 4.86 10.83 11.95
C GLY A 273 3.60 9.98 12.12
N ILE A 274 3.72 8.68 11.81
CA ILE A 274 2.54 7.82 11.68
C ILE A 274 1.82 7.61 13.03
N HIS A 275 2.54 7.72 14.14
CA HIS A 275 1.86 7.63 15.44
C HIS A 275 0.99 8.86 15.70
N GLU A 276 1.49 10.00 15.30
CA GLU A 276 0.77 11.26 15.41
C GLU A 276 -0.40 11.33 14.45
N THR A 277 -0.23 10.86 13.22
CA THR A 277 -1.33 10.90 12.25
C THR A 277 -2.42 9.97 12.76
N THR A 278 -2.05 8.83 13.33
CA THR A 278 -3.04 7.92 13.90
C THR A 278 -3.84 8.58 15.02
N TYR A 279 -3.14 9.17 15.98
CA TYR A 279 -3.80 9.83 17.09
C TYR A 279 -4.67 10.99 16.57
N ASN A 280 -4.13 11.80 15.67
CA ASN A 280 -4.87 12.95 15.14
C ASN A 280 -6.17 12.48 14.44
N SER A 281 -6.10 11.37 13.74
CA SER A 281 -7.23 10.86 13.01
C SER A 281 -8.32 10.44 14.00
N ILE A 282 -7.94 9.70 15.04
CA ILE A 282 -8.89 9.31 16.09
C ILE A 282 -9.51 10.57 16.69
N MET A 283 -8.72 11.61 16.91
CA MET A 283 -9.25 12.83 17.53
C MET A 283 -10.20 13.63 16.66
N LYS A 284 -10.17 13.44 15.35
CA LYS A 284 -11.12 14.05 14.45
C LYS A 284 -12.48 13.37 14.50
N CYS A 285 -12.50 12.11 14.98
CA CYS A 285 -13.73 11.34 15.01
C CYS A 285 -14.59 11.67 16.21
N ASP A 286 -15.88 11.32 16.09
CA ASP A 286 -16.85 11.51 17.14
C ASP A 286 -16.30 11.00 18.47
N ILE A 287 -16.32 11.85 19.48
CA ILE A 287 -15.81 11.47 20.79
C ILE A 287 -16.36 10.10 21.27
N ASP A 288 -17.60 9.78 20.90
CA ASP A 288 -18.26 8.55 21.36
C ASP A 288 -17.79 7.28 20.66
N ILE A 289 -16.99 7.39 19.60
CA ILE A 289 -16.45 6.19 18.93
C ILE A 289 -14.95 6.01 19.17
N ARG A 290 -14.31 6.95 19.85
CA ARG A 290 -12.84 6.89 19.94
C ARG A 290 -12.35 5.64 20.69
N LYS A 291 -13.03 5.27 21.77
CA LYS A 291 -12.64 4.09 22.52
C LYS A 291 -12.55 2.87 21.59
N ASP A 292 -13.54 2.74 20.69
CA ASP A 292 -13.59 1.60 19.75
C ASP A 292 -12.45 1.68 18.73
N LEU A 293 -12.10 2.90 18.31
CA LEU A 293 -10.98 3.04 17.39
C LEU A 293 -9.65 2.69 18.06
N TYR A 294 -9.42 3.17 19.29
CA TYR A 294 -8.19 2.90 20.00
C TYR A 294 -7.96 1.41 20.20
N ALA A 295 -9.06 0.67 20.36
CA ALA A 295 -9.01 -0.75 20.61
C ALA A 295 -8.95 -1.59 19.31
N ASN A 296 -8.96 -0.92 18.15
CA ASN A 296 -9.10 -1.62 16.87
C ASN A 296 -8.27 -0.92 15.77
N ASN A 297 -6.98 -0.71 16.07
CA ASN A 297 -6.04 -0.09 15.12
C ASN A 297 -5.49 -1.23 14.27
N VAL A 298 -5.79 -1.28 12.98
CA VAL A 298 -5.36 -2.37 12.11
C VAL A 298 -4.29 -1.88 11.16
N MET A 299 -3.19 -2.60 11.08
CA MET A 299 -2.09 -2.23 10.15
C MET A 299 -2.23 -3.02 8.88
N SER A 300 -2.09 -2.30 7.76
CA SER A 300 -2.25 -2.83 6.40
C SER A 300 -1.08 -2.35 5.52
N GLY A 301 -0.64 -3.18 4.59
CA GLY A 301 0.32 -2.77 3.59
C GLY A 301 1.74 -3.20 3.85
N GLY A 302 2.52 -3.28 2.79
CA GLY A 302 3.88 -3.78 2.88
C GLY A 302 4.79 -3.02 3.81
N THR A 303 4.62 -1.71 3.91
CA THR A 303 5.48 -0.90 4.78
C THR A 303 5.14 -1.02 6.27
N THR A 304 4.05 -1.73 6.60
CA THR A 304 3.80 -2.11 8.00
C THR A 304 4.38 -3.46 8.37
N MET A 305 5.21 -4.04 7.48
CA MET A 305 5.80 -5.36 7.74
C MET A 305 7.01 -5.39 8.68
N TYR A 306 7.60 -4.24 8.98
CA TYR A 306 8.79 -4.21 9.82
C TYR A 306 8.54 -4.90 11.14
N PRO A 307 9.43 -5.80 11.53
CA PRO A 307 9.43 -6.27 12.92
C PRO A 307 9.50 -5.09 13.87
N GLY A 308 8.70 -5.13 14.94
CA GLY A 308 8.66 -4.10 15.94
C GLY A 308 7.68 -2.96 15.76
N ILE A 309 7.12 -2.82 14.55
CA ILE A 309 6.28 -1.68 14.29
C ILE A 309 4.99 -1.66 15.11
N ALA A 310 4.37 -2.81 15.36
CA ALA A 310 3.14 -2.85 16.16
C ALA A 310 3.44 -2.52 17.60
N ASP A 311 4.53 -3.06 18.14
CA ASP A 311 4.91 -2.75 19.53
C ASP A 311 5.23 -1.28 19.68
N ARG A 312 5.91 -0.70 18.68
CA ARG A 312 6.24 0.73 18.73
C ARG A 312 5.01 1.57 18.66
N MET A 313 4.09 1.23 17.76
CA MET A 313 2.85 1.97 17.69
C MET A 313 2.06 1.87 18.99
N GLN A 314 2.00 0.68 19.57
CA GLN A 314 1.34 0.51 20.88
C GLN A 314 1.92 1.47 21.91
N LYS A 315 3.25 1.55 21.98
CA LYS A 315 3.91 2.44 22.91
C LYS A 315 3.59 3.92 22.63
N GLU A 316 3.65 4.32 21.38
CA GLU A 316 3.47 5.73 21.05
C GLU A 316 2.02 6.17 21.24
N ILE A 317 1.06 5.32 20.87
CA ILE A 317 -0.37 5.69 21.03
C ILE A 317 -0.73 5.74 22.52
N THR A 318 -0.17 4.81 23.29
CA THR A 318 -0.34 4.79 24.75
C THR A 318 0.11 6.11 25.37
N ALA A 319 1.22 6.67 24.87
CA ALA A 319 1.75 7.92 25.39
C ALA A 319 0.87 9.12 25.06
N LEU A 320 0.16 9.06 23.93
CA LEU A 320 -0.69 10.18 23.50
C LEU A 320 -2.11 10.13 24.04
N ALA A 321 -2.60 8.93 24.28
CA ALA A 321 -4.01 8.68 24.62
C ALA A 321 -4.22 8.85 26.13
N PRO A 322 -5.46 9.02 26.54
CA PRO A 322 -5.81 9.01 27.97
C PRO A 322 -5.24 7.78 28.68
N SER A 323 -4.76 7.93 29.93
CA SER A 323 -4.06 6.85 30.62
C SER A 323 -4.92 5.61 30.89
N THR A 324 -6.24 5.74 30.93
CA THR A 324 -7.09 4.57 31.15
C THR A 324 -7.53 3.87 29.85
N MET A 325 -7.00 4.29 28.70
CA MET A 325 -7.54 3.86 27.41
C MET A 325 -6.95 2.50 27.02
N LYS A 326 -7.81 1.56 26.68
CA LYS A 326 -7.37 0.27 26.15
C LYS A 326 -6.97 0.50 24.71
N ILE A 327 -5.71 0.16 24.41
CA ILE A 327 -5.13 0.33 23.08
C ILE A 327 -4.77 -1.05 22.56
N LYS A 328 -5.11 -1.32 21.29
CA LYS A 328 -4.76 -2.58 20.63
C LYS A 328 -4.36 -2.30 19.19
N ILE A 329 -3.20 -2.84 18.79
CA ILE A 329 -2.72 -2.80 17.42
C ILE A 329 -2.84 -4.22 16.88
N ILE A 330 -3.51 -4.36 15.75
CA ILE A 330 -3.68 -5.65 15.09
C ILE A 330 -2.86 -5.59 13.79
N ALA A 331 -1.91 -6.50 13.67
CA ALA A 331 -1.01 -6.55 12.52
C ALA A 331 -1.03 -7.96 11.94
N PRO A 332 -2.02 -8.24 11.09
CA PRO A 332 -2.17 -9.60 10.55
C PRO A 332 -0.93 -10.07 9.79
N PRO A 333 -0.55 -11.34 9.91
CA PRO A 333 0.61 -11.81 9.16
C PRO A 333 0.49 -11.64 7.65
N GLU A 334 -0.74 -11.69 7.15
CA GLU A 334 -1.03 -11.60 5.71
C GLU A 334 -1.13 -10.14 5.22
N ARG A 335 -0.69 -9.17 6.01
CA ARG A 335 -1.03 -7.77 5.73
C ARG A 335 -0.35 -7.14 4.51
N LYS A 336 0.60 -7.80 3.84
CA LYS A 336 0.99 -7.34 2.51
C LYS A 336 -0.16 -7.39 1.52
N TYR A 337 -1.15 -8.23 1.80
CA TYR A 337 -2.24 -8.51 0.90
C TYR A 337 -3.60 -8.29 1.53
N SER A 338 -3.68 -7.58 2.66
CA SER A 338 -4.96 -7.34 3.34
C SER A 338 -5.98 -6.64 2.47
N VAL A 339 -5.56 -5.61 1.74
CA VAL A 339 -6.53 -4.93 0.89
C VAL A 339 -7.15 -5.93 -0.09
N TRP A 340 -6.28 -6.69 -0.75
CA TRP A 340 -6.72 -7.64 -1.74
C TRP A 340 -7.67 -8.67 -1.12
N ILE A 341 -7.27 -9.24 0.02
CA ILE A 341 -8.11 -10.22 0.73
C ILE A 341 -9.49 -9.67 1.08
N GLY A 342 -9.54 -8.43 1.57
CA GLY A 342 -10.79 -7.75 1.83
C GLY A 342 -11.67 -7.73 0.58
N GLY A 343 -11.08 -7.42 -0.56
CA GLY A 343 -11.81 -7.44 -1.81
C GLY A 343 -12.28 -8.83 -2.20
N SER A 344 -11.44 -9.82 -1.97
CA SER A 344 -11.79 -11.21 -2.27
C SER A 344 -13.01 -11.63 -1.47
N ILE A 345 -13.04 -11.24 -0.20
CA ILE A 345 -14.14 -11.53 0.71
C ILE A 345 -15.38 -10.83 0.20
N LEU A 346 -15.28 -9.52 0.00
CA LEU A 346 -16.45 -8.72 -0.33
C LEU A 346 -17.08 -9.22 -1.63
N ALA A 347 -16.28 -9.45 -2.65
CA ALA A 347 -16.78 -9.76 -3.99
C ALA A 347 -17.36 -11.17 -4.06
N SER A 348 -16.98 -12.04 -3.13
CA SER A 348 -17.48 -13.42 -3.18
C SER A 348 -18.64 -13.62 -2.20
N LEU A 349 -18.99 -12.54 -1.51
CA LEU A 349 -20.00 -12.57 -0.49
C LEU A 349 -21.37 -12.70 -1.11
N SER A 350 -22.07 -13.76 -0.71
CA SER A 350 -23.41 -13.99 -1.22
C SER A 350 -24.25 -12.71 -1.12
N THR A 351 -24.11 -11.99 0.00
CA THR A 351 -24.93 -10.79 0.25
C THR A 351 -24.52 -9.49 -0.49
N PHE A 352 -23.44 -9.53 -1.25
CA PHE A 352 -22.91 -8.36 -1.94
C PHE A 352 -23.35 -8.38 -3.41
N GLN A 353 -23.93 -9.49 -3.84
CA GLN A 353 -24.16 -9.71 -5.27
C GLN A 353 -25.15 -8.72 -5.88
N GLN A 354 -25.97 -8.06 -5.07
CA GLN A 354 -26.86 -7.00 -5.57
C GLN A 354 -26.20 -5.62 -5.57
N MET A 355 -24.93 -5.53 -5.14
CA MET A 355 -24.25 -4.24 -4.98
C MET A 355 -23.39 -3.88 -6.19
N TRP A 356 -23.12 -4.85 -7.06
CA TRP A 356 -22.37 -4.56 -8.30
C TRP A 356 -23.07 -3.49 -9.12
N ILE A 357 -22.29 -2.61 -9.75
CA ILE A 357 -22.80 -1.74 -10.82
C ILE A 357 -22.79 -2.61 -12.08
N THR A 358 -23.93 -2.77 -12.75
CA THR A 358 -23.93 -3.59 -13.95
C THR A 358 -23.69 -2.71 -15.17
N LYS A 359 -23.21 -3.31 -16.25
CA LYS A 359 -23.02 -2.62 -17.52
C LYS A 359 -24.35 -2.03 -17.98
N GLN A 360 -25.46 -2.72 -17.73
CA GLN A 360 -26.79 -2.19 -18.04
C GLN A 360 -27.05 -0.89 -17.31
N GLU A 361 -26.80 -0.86 -16.00
CA GLU A 361 -27.00 0.37 -15.23
C GLU A 361 -26.10 1.50 -15.76
N TYR A 362 -24.85 1.15 -16.11
CA TYR A 362 -23.90 2.12 -16.65
C TYR A 362 -24.39 2.69 -17.99
N ASP A 363 -24.88 1.81 -18.87
CA ASP A 363 -25.38 2.22 -20.18
C ASP A 363 -26.61 3.14 -20.05
N GLU A 364 -27.42 2.92 -19.02
CA GLU A 364 -28.57 3.77 -18.70
C GLU A 364 -28.19 5.11 -18.07
N ALA A 365 -27.19 5.13 -17.17
CA ALA A 365 -26.93 6.27 -16.29
C ALA A 365 -25.56 6.95 -16.43
N GLY A 366 -24.59 6.23 -16.99
CA GLY A 366 -23.24 6.77 -17.19
C GLY A 366 -22.35 6.67 -15.96
N PRO A 367 -21.13 7.20 -16.06
CA PRO A 367 -20.10 7.05 -15.01
C PRO A 367 -20.44 7.52 -13.60
N SER A 368 -21.33 8.50 -13.45
CA SER A 368 -21.69 9.04 -12.12
C SER A 368 -22.49 8.07 -11.24
N ILE A 369 -22.95 6.95 -11.81
CA ILE A 369 -23.61 5.91 -11.03
C ILE A 369 -22.65 5.34 -9.96
N VAL A 370 -21.34 5.46 -10.18
CA VAL A 370 -20.35 4.87 -9.26
C VAL A 370 -20.43 5.47 -7.84
N HIS A 371 -20.88 6.71 -7.72
CA HIS A 371 -20.98 7.36 -6.40
C HIS A 371 -22.20 6.89 -5.63
#